data_7WEW
#
_entry.id   7WEW
#
_cell.length_a   152.511
_cell.length_b   152.511
_cell.length_c   48.202
_cell.angle_alpha   90.000
_cell.angle_beta   90.000
_cell.angle_gamma   120.000
#
_symmetry.space_group_name_H-M   'P 3 2 1'
#
loop_
_entity.id
_entity.type
_entity.pdbx_description
1 polymer 'Epsilon-poly-L-lysine synthase'
2 non-polymer 'SULFATE ION'
3 non-polymer GLYCEROL
4 non-polymer "ADENOSINE-5'-[LYSYL-PHOSPHATE]"
5 water water
#
_entity_poly.entity_id   1
_entity_poly.type   'polypeptide(L)'
_entity_poly.pdbx_seq_one_letter_code
;SMSSPLLESSFEPSEPAPQQALYRTAGNPAPRTLLDVLDATAAAHPQAIALDTGSEALTYRDLCIEIERRARQLRDRGIG
PGDRVGVRVPSGTAELYLSILAVLRSGAAYVPVDADDPDERAATVFREAAVCAVLGPDGPLPGPARPLGDPRSAGPQDDA
WIIFTSGSTGAPKGVAVSHRSAAAFVDAEADLFCQDQPLGPGDRVLAGLSVAFDASCEEMWLAWRYGACLVPAPRALVRA
GHELGPWLVERGITVVSTVPTLAALWPDEAMRRVRLLIVGGESCPAGLVDRFAGPGREMWNTYGPTETTVVACAARLLPG
EPVRIGLPLKGWQLAVVDRTGQPVPFGAEGELLISGVGTARYLDPAKDAERFRPDDALGAARVYRTGDLVRAEPEGLLFV
GRADDQIKLGGRRIELGEIDAALAALPGVRGAAAAVQTTPAGTQVLVGYVVPEQRTADGSSFQQDKARALLQERLPAQLV
PVLAEVESLPTRTSGKVDRKALPWPLPSA
;
_entity_poly.pdbx_strand_id   A
#
# COMPACT_ATOMS: atom_id res chain seq x y z
N GLN A 19 9.84 -0.16 -29.76
CA GLN A 19 9.20 0.80 -28.86
C GLN A 19 7.70 0.56 -28.72
N GLN A 20 7.32 -0.61 -28.24
CA GLN A 20 5.87 -0.91 -28.14
C GLN A 20 5.37 -0.81 -26.69
N ALA A 21 6.15 -1.20 -25.68
CA ALA A 21 5.65 -1.19 -24.29
C ALA A 21 5.54 0.19 -23.66
N LEU A 22 4.60 1.00 -24.14
CA LEU A 22 4.30 2.34 -23.63
C LEU A 22 2.80 2.37 -23.38
N TYR A 23 2.40 2.74 -22.18
CA TYR A 23 0.97 2.82 -21.80
C TYR A 23 0.73 4.27 -21.38
N ARG A 24 -0.07 4.96 -22.16
CA ARG A 24 -0.31 6.38 -21.94
C ARG A 24 -1.74 6.61 -21.47
N THR A 25 -1.98 7.78 -20.89
CA THR A 25 -3.33 8.20 -20.51
C THR A 25 -3.41 9.71 -20.64
N ALA A 26 -4.64 10.21 -20.76
CA ALA A 26 -4.91 11.66 -20.66
C ALA A 26 -4.29 12.25 -19.38
N PRO A 29 -5.94 15.27 -15.83
CA PRO A 29 -7.02 15.17 -14.83
C PRO A 29 -7.08 16.39 -13.92
N ALA A 30 -8.29 16.75 -13.51
CA ALA A 30 -8.55 18.10 -12.99
C ALA A 30 -7.87 18.32 -11.64
N PRO A 31 -7.00 19.33 -11.52
CA PRO A 31 -6.21 19.49 -10.29
C PRO A 31 -7.00 20.06 -9.12
N ARG A 32 -6.80 19.48 -7.93
CA ARG A 32 -7.45 19.97 -6.72
C ARG A 32 -6.72 19.38 -5.51
N THR A 33 -7.24 19.71 -4.32
CA THR A 33 -6.66 19.25 -3.07
C THR A 33 -7.56 18.19 -2.44
N LEU A 34 -7.02 17.52 -1.41
CA LEU A 34 -7.85 16.57 -0.68
C LEU A 34 -8.96 17.26 0.10
N LEU A 35 -8.75 18.51 0.52
CA LEU A 35 -9.84 19.25 1.15
C LEU A 35 -10.94 19.55 0.15
N ASP A 36 -10.59 19.78 -1.12
CA ASP A 36 -11.62 19.91 -2.14
C ASP A 36 -12.44 18.63 -2.27
N VAL A 37 -11.79 17.48 -2.20
CA VAL A 37 -12.50 16.22 -2.30
C VAL A 37 -13.44 16.07 -1.11
N LEU A 38 -12.92 16.22 0.09
CA LEU A 38 -13.76 16.07 1.28
C LEU A 38 -14.92 17.06 1.26
N ASP A 39 -14.63 18.32 0.92
CA ASP A 39 -15.66 19.34 1.04
C ASP A 39 -16.73 19.17 -0.02
N ALA A 40 -16.35 18.64 -1.19
CA ALA A 40 -17.35 18.33 -2.22
C ALA A 40 -18.25 17.18 -1.79
N THR A 41 -17.68 16.16 -1.15
CA THR A 41 -18.47 15.07 -0.61
C THR A 41 -19.37 15.56 0.52
N ALA A 42 -18.82 16.36 1.44
CA ALA A 42 -19.62 16.85 2.54
C ALA A 42 -20.79 17.69 2.04
N ALA A 43 -20.56 18.45 0.95
CA ALA A 43 -21.64 19.28 0.42
C ALA A 43 -22.72 18.41 -0.20
N ALA A 44 -22.34 17.31 -0.84
CA ALA A 44 -23.31 16.46 -1.50
C ALA A 44 -23.99 15.47 -0.57
N HIS A 45 -23.34 15.08 0.54
CA HIS A 45 -23.85 14.03 1.43
C HIS A 45 -23.75 14.46 2.89
N PRO A 46 -24.24 15.65 3.24
CA PRO A 46 -24.01 16.20 4.59
C PRO A 46 -24.48 15.29 5.70
N GLN A 47 -25.51 14.47 5.47
CA GLN A 47 -26.06 13.63 6.53
C GLN A 47 -25.60 12.18 6.44
N ALA A 48 -24.76 11.82 5.46
CA ALA A 48 -24.21 10.47 5.42
C ALA A 48 -23.15 10.28 6.49
N ILE A 49 -23.02 9.04 6.98
CA ILE A 49 -22.05 8.71 8.01
C ILE A 49 -20.67 8.61 7.37
N ALA A 50 -19.77 9.50 7.77
CA ALA A 50 -18.40 9.58 7.27
C ALA A 50 -17.44 8.66 8.01
N LEU A 51 -17.61 8.51 9.31
CA LEU A 51 -16.64 7.83 10.15
C LEU A 51 -17.41 7.18 11.28
N ASP A 52 -17.13 5.90 11.54
CA ASP A 52 -17.91 5.10 12.47
C ASP A 52 -16.98 4.16 13.23
N THR A 53 -16.79 4.43 14.52
CA THR A 53 -15.95 3.60 15.42
C THR A 53 -16.79 2.91 16.49
N GLY A 54 -18.12 2.92 16.41
CA GLY A 54 -18.93 2.32 17.49
C GLY A 54 -19.22 3.37 18.55
N SER A 55 -18.20 3.85 19.24
CA SER A 55 -18.34 4.95 20.21
C SER A 55 -18.94 6.16 19.49
N GLU A 56 -18.17 6.69 18.54
CA GLU A 56 -18.57 7.88 17.75
C GLU A 56 -19.06 7.47 16.35
N ALA A 57 -20.10 8.14 15.85
CA ALA A 57 -20.54 7.95 14.47
C ALA A 57 -20.90 9.32 13.89
N LEU A 58 -20.08 9.82 12.96
CA LEU A 58 -20.09 11.21 12.53
C LEU A 58 -20.59 11.34 11.09
N THR A 59 -21.67 12.09 10.91
CA THR A 59 -22.06 12.51 9.57
C THR A 59 -20.94 13.31 8.94
N TYR A 60 -21.03 13.51 7.62
CA TYR A 60 -20.03 14.34 6.97
C TYR A 60 -20.05 15.77 7.53
N ARG A 61 -21.24 16.26 7.86
CA ARG A 61 -21.37 17.61 8.40
C ARG A 61 -20.68 17.71 9.76
N ASP A 62 -20.93 16.74 10.64
CA ASP A 62 -20.28 16.75 11.95
C ASP A 62 -18.80 16.40 11.86
N LEU A 63 -18.40 15.57 10.90
CA LEU A 63 -16.98 15.34 10.66
C LEU A 63 -16.26 16.66 10.39
N CYS A 64 -16.81 17.49 9.51
CA CYS A 64 -16.14 18.75 9.19
C CYS A 64 -16.04 19.65 10.43
N ILE A 65 -17.11 19.72 11.22
CA ILE A 65 -17.07 20.50 12.46
C ILE A 65 -15.97 19.98 13.39
N GLU A 66 -15.90 18.66 13.58
CA GLU A 66 -14.87 18.11 14.46
C GLU A 66 -13.48 18.36 13.90
N ILE A 67 -13.33 18.27 12.58
CA ILE A 67 -12.05 18.56 11.92
C ILE A 67 -11.65 20.00 12.17
N GLU A 68 -12.61 20.91 12.01
CA GLU A 68 -12.28 22.32 12.13
C GLU A 68 -11.87 22.66 13.58
N ARG A 69 -12.56 22.10 14.57
CA ARG A 69 -12.18 22.35 15.95
C ARG A 69 -10.76 21.88 16.23
N ARG A 70 -10.36 20.75 15.63
CA ARG A 70 -9.00 20.28 15.84
C ARG A 70 -8.00 21.10 15.02
N ALA A 71 -8.36 21.45 13.78
CA ALA A 71 -7.46 22.26 12.98
C ALA A 71 -7.24 23.64 13.60
N ARG A 72 -8.28 24.25 14.20
CA ARG A 72 -8.12 25.50 14.91
C ARG A 72 -7.00 25.44 15.94
N GLN A 73 -6.92 24.33 16.68
CA GLN A 73 -5.85 24.20 17.66
C GLN A 73 -4.47 24.25 17.00
N LEU A 74 -4.35 23.64 15.81
CA LEU A 74 -3.04 23.58 15.18
C LEU A 74 -2.66 24.95 14.63
N ARG A 75 -3.62 25.64 14.02
CA ARG A 75 -3.38 27.01 13.59
C ARG A 75 -2.95 27.90 14.75
N ASP A 76 -3.62 27.75 15.92
CA ASP A 76 -3.23 28.57 17.06
C ASP A 76 -1.76 28.37 17.40
N ARG A 77 -1.23 27.18 17.15
CA ARG A 77 0.19 26.93 17.32
C ARG A 77 1.02 27.42 16.13
N GLY A 78 0.40 28.02 15.11
CA GLY A 78 1.09 28.49 13.93
C GLY A 78 1.22 27.50 12.78
N ILE A 79 0.56 26.35 12.86
CA ILE A 79 0.73 25.29 11.86
C ILE A 79 -0.08 25.64 10.62
N GLY A 80 0.58 25.56 9.46
CA GLY A 80 -0.07 25.82 8.20
C GLY A 80 0.79 25.34 7.04
N PRO A 81 0.44 25.76 5.82
CA PRO A 81 1.22 25.34 4.64
C PRO A 81 2.71 25.51 4.87
N GLY A 82 3.48 24.59 4.30
CA GLY A 82 4.90 24.55 4.57
C GLY A 82 5.29 23.81 5.83
N ASP A 83 4.34 23.49 6.71
CA ASP A 83 4.67 22.77 7.95
C ASP A 83 4.48 21.26 7.79
N ARG A 84 5.19 20.51 8.63
CA ARG A 84 5.06 19.06 8.70
C ARG A 84 4.74 18.65 10.13
N VAL A 85 3.66 17.88 10.29
CA VAL A 85 3.14 17.49 11.59
C VAL A 85 3.15 15.97 11.68
N GLY A 86 3.88 15.44 12.63
CA GLY A 86 3.83 14.02 12.88
C GLY A 86 2.49 13.61 13.47
N VAL A 87 2.13 12.35 13.23
CA VAL A 87 0.92 11.75 13.76
C VAL A 87 1.30 10.37 14.28
N ARG A 88 1.08 10.14 15.57
CA ARG A 88 1.44 8.86 16.18
C ARG A 88 0.30 8.49 17.14
N VAL A 89 -0.77 7.96 16.58
CA VAL A 89 -2.01 7.74 17.30
C VAL A 89 -2.49 6.31 17.02
N PRO A 90 -2.86 5.56 18.05
CA PRO A 90 -3.23 4.15 17.86
C PRO A 90 -4.22 3.93 16.72
N SER A 91 -4.06 2.80 16.04
CA SER A 91 -4.97 2.41 14.96
C SER A 91 -6.34 2.05 15.53
N GLY A 92 -7.33 2.05 14.64
CA GLY A 92 -8.68 1.71 15.06
C GLY A 92 -9.38 2.73 15.94
N THR A 93 -8.85 3.96 16.04
CA THR A 93 -9.45 5.01 16.85
C THR A 93 -9.96 6.12 15.94
N ALA A 94 -11.08 6.73 16.32
CA ALA A 94 -11.57 7.90 15.59
C ALA A 94 -10.52 9.00 15.54
N GLU A 95 -9.86 9.26 16.68
CA GLU A 95 -8.92 10.38 16.73
C GLU A 95 -7.77 10.23 15.74
N LEU A 96 -7.35 8.99 15.44
CA LEU A 96 -6.30 8.80 14.42
C LEU A 96 -6.69 9.46 13.11
N TYR A 97 -7.90 9.16 12.60
CA TYR A 97 -8.31 9.74 11.33
C TYR A 97 -8.72 11.21 11.48
N LEU A 98 -9.35 11.58 12.59
CA LEU A 98 -9.65 13.00 12.82
C LEU A 98 -8.38 13.84 12.84
N SER A 99 -7.29 13.29 13.40
CA SER A 99 -6.04 14.05 13.51
C SER A 99 -5.41 14.25 12.15
N ILE A 100 -5.43 13.22 11.31
CA ILE A 100 -4.89 13.33 9.96
C ILE A 100 -5.65 14.38 9.17
N LEU A 101 -6.98 14.33 9.20
CA LEU A 101 -7.78 15.33 8.51
C LEU A 101 -7.56 16.72 9.10
N ALA A 102 -7.40 16.82 10.42
CA ALA A 102 -7.15 18.13 11.03
C ALA A 102 -5.86 18.74 10.48
N VAL A 103 -4.77 17.95 10.45
CA VAL A 103 -3.53 18.42 9.83
C VAL A 103 -3.79 18.90 8.41
N LEU A 104 -4.43 18.05 7.60
CA LEU A 104 -4.67 18.47 6.23
C LEU A 104 -5.49 19.76 6.18
N ARG A 105 -6.54 19.85 7.03
CA ARG A 105 -7.39 21.03 7.01
C ARG A 105 -6.59 22.31 7.31
N SER A 106 -5.66 22.24 8.25
CA SER A 106 -4.86 23.40 8.61
C SER A 106 -3.87 23.81 7.53
N GLY A 107 -3.79 23.07 6.42
CA GLY A 107 -2.87 23.40 5.35
C GLY A 107 -1.50 22.75 5.45
N ALA A 108 -1.20 22.11 6.57
CA ALA A 108 0.07 21.41 6.73
C ALA A 108 0.00 20.00 6.12
N ALA A 109 1.12 19.31 6.11
CA ALA A 109 1.24 17.93 5.64
C ALA A 109 1.48 17.03 6.84
N TYR A 110 0.85 15.86 6.83
CA TYR A 110 1.00 14.95 7.96
C TYR A 110 2.05 13.92 7.65
N VAL A 111 2.70 13.44 8.71
CA VAL A 111 3.84 12.53 8.67
C VAL A 111 3.50 11.38 9.62
N PRO A 112 2.90 10.30 9.12
CA PRO A 112 2.41 9.24 10.01
C PRO A 112 3.47 8.22 10.36
N VAL A 113 3.51 7.86 11.64
CA VAL A 113 4.29 6.73 12.13
C VAL A 113 3.33 5.87 12.94
N ASP A 114 3.30 4.58 12.63
CA ASP A 114 2.38 3.72 13.36
C ASP A 114 2.65 3.81 14.86
N ALA A 115 1.58 3.77 15.64
CA ALA A 115 1.73 3.85 17.09
C ALA A 115 2.47 2.63 17.63
N ASP A 116 2.31 1.47 16.99
CA ASP A 116 2.93 0.25 17.45
C ASP A 116 4.32 0.02 16.86
N ASP A 117 4.84 0.97 16.06
CA ASP A 117 6.22 0.90 15.66
C ASP A 117 7.11 1.25 16.85
N PRO A 118 8.39 0.87 16.79
CA PRO A 118 9.32 1.21 17.87
C PRO A 118 9.51 2.71 17.98
N ASP A 119 9.70 3.18 19.21
CA ASP A 119 9.99 4.60 19.44
C ASP A 119 11.22 5.06 18.66
N GLU A 120 12.18 4.16 18.43
CA GLU A 120 13.39 4.52 17.71
C GLU A 120 13.08 4.89 16.26
N ARG A 121 12.28 4.07 15.58
CA ARG A 121 11.86 4.41 14.22
C ARG A 121 11.07 5.71 14.22
N ALA A 122 10.21 5.91 15.23
CA ALA A 122 9.39 7.11 15.29
C ALA A 122 10.26 8.35 15.36
N ALA A 123 11.28 8.33 16.23
CA ALA A 123 12.16 9.48 16.38
C ALA A 123 12.95 9.75 15.10
N THR A 124 13.41 8.68 14.44
CA THR A 124 14.13 8.84 13.19
C THR A 124 13.27 9.58 12.15
N VAL A 125 12.05 9.09 11.92
CA VAL A 125 11.19 9.68 10.90
C VAL A 125 10.88 11.13 11.23
N PHE A 126 10.52 11.41 12.48
CA PHE A 126 10.12 12.78 12.83
C PHE A 126 11.30 13.72 12.73
N ARG A 127 12.47 13.28 13.17
CA ARG A 127 13.67 14.08 12.99
C ARG A 127 13.95 14.29 11.50
N GLU A 128 13.98 13.20 10.73
CA GLU A 128 14.28 13.26 9.30
C GLU A 128 13.25 14.10 8.54
N ALA A 129 11.97 14.04 8.92
CA ALA A 129 10.98 14.90 8.28
C ALA A 129 11.00 16.34 8.78
N ALA A 130 11.72 16.63 9.87
CA ALA A 130 11.75 17.98 10.42
C ALA A 130 10.35 18.47 10.78
N VAL A 131 9.62 17.65 11.54
CA VAL A 131 8.26 18.03 11.91
C VAL A 131 8.31 19.14 12.95
N CYS A 132 7.33 20.05 12.90
CA CYS A 132 7.22 21.08 13.92
C CYS A 132 6.34 20.66 15.11
N ALA A 133 5.88 19.41 15.13
CA ALA A 133 4.98 18.92 16.17
C ALA A 133 4.62 17.47 15.87
N VAL A 134 4.26 16.69 16.89
CA VAL A 134 3.68 15.38 16.65
C VAL A 134 2.44 15.21 17.52
N LEU A 135 1.36 14.76 16.89
CA LEU A 135 0.12 14.52 17.60
C LEU A 135 0.19 13.14 18.23
N GLY A 136 0.31 13.12 19.56
CA GLY A 136 0.41 11.90 20.31
C GLY A 136 -0.95 11.53 20.85
N PRO A 137 -1.05 10.39 21.55
CA PRO A 137 -2.38 9.89 21.95
C PRO A 137 -3.06 10.77 22.97
N ASP A 138 -2.33 11.58 23.74
CA ASP A 138 -2.89 12.46 24.75
C ASP A 138 -2.62 13.93 24.45
N GLY A 139 -2.44 14.29 23.18
CA GLY A 139 -2.28 15.67 22.80
C GLY A 139 -0.97 16.02 22.12
N PRO A 140 -0.83 17.28 21.72
CA PRO A 140 0.33 17.69 20.91
C PRO A 140 1.61 17.62 21.71
N LEU A 141 2.69 17.28 21.02
CA LEU A 141 4.04 17.19 21.56
C LEU A 141 4.95 18.05 20.71
N PRO A 142 6.16 18.32 21.19
CA PRO A 142 7.07 19.18 20.43
C PRO A 142 7.70 18.44 19.25
N GLY A 143 8.05 19.21 18.22
CA GLY A 143 8.79 18.71 17.09
C GLY A 143 10.09 19.48 16.92
N PRO A 144 11.10 18.84 16.34
CA PRO A 144 12.42 19.48 16.28
C PRO A 144 12.41 20.85 15.61
N ALA A 145 11.45 21.11 14.71
CA ALA A 145 11.38 22.37 13.98
C ALA A 145 10.26 23.25 14.54
N ARG A 146 10.15 24.46 13.99
CA ARG A 146 9.18 25.39 14.48
C ARG A 146 8.20 25.77 13.36
N PRO A 147 6.92 25.87 13.67
CA PRO A 147 5.94 26.18 12.63
C PRO A 147 6.23 27.54 12.00
N LEU A 148 5.76 27.71 10.77
CA LEU A 148 6.08 28.87 9.94
C LEU A 148 4.97 29.89 9.87
N GLY A 149 3.79 29.60 10.42
CA GLY A 149 2.77 30.63 10.59
C GLY A 149 2.07 31.07 9.33
N ASP A 150 2.11 30.29 8.27
CA ASP A 150 1.40 30.68 7.06
C ASP A 150 -0.10 30.50 7.28
N PRO A 151 -0.91 31.55 7.10
CA PRO A 151 -2.36 31.44 7.38
C PRO A 151 -3.18 30.86 6.25
N ARG A 152 -2.60 30.71 5.06
CA ARG A 152 -3.34 30.22 3.90
C ARG A 152 -3.79 28.77 4.11
N SER A 153 -4.83 28.38 3.37
CA SER A 153 -5.20 26.98 3.30
C SER A 153 -4.43 26.32 2.15
N ALA A 154 -4.40 24.99 2.16
CA ALA A 154 -3.55 24.28 1.22
C ALA A 154 -4.03 24.50 -0.21
N GLY A 155 -3.08 24.58 -1.13
CA GLY A 155 -3.39 24.48 -2.53
C GLY A 155 -2.78 23.21 -3.11
N PRO A 156 -3.12 22.89 -4.37
CA PRO A 156 -2.61 21.64 -4.97
C PRO A 156 -1.10 21.49 -4.93
N GLN A 157 -0.36 22.60 -4.89
CA GLN A 157 1.09 22.55 -4.87
C GLN A 157 1.64 22.20 -3.49
N ASP A 158 0.84 22.34 -2.44
CA ASP A 158 1.32 22.07 -1.09
C ASP A 158 1.38 20.56 -0.84
N ASP A 159 2.37 20.15 -0.05
CA ASP A 159 2.41 18.75 0.35
C ASP A 159 1.17 18.38 1.16
N ALA A 160 0.63 17.18 0.89
CA ALA A 160 -0.39 16.56 1.71
C ALA A 160 0.18 15.57 2.72
N TRP A 161 1.12 14.73 2.32
CA TRP A 161 1.67 13.77 3.25
C TRP A 161 3.12 13.49 2.91
N ILE A 162 3.86 13.03 3.92
CA ILE A 162 5.24 12.60 3.79
C ILE A 162 5.30 11.21 4.39
N ILE A 163 5.47 10.20 3.55
CA ILE A 163 5.43 8.82 3.98
C ILE A 163 6.76 8.16 3.66
N PHE A 164 7.29 7.43 4.62
CA PHE A 164 8.60 6.83 4.47
C PHE A 164 8.47 5.42 3.92
N THR A 165 9.26 5.10 2.90
CA THR A 165 9.26 3.79 2.28
C THR A 165 10.60 3.13 2.58
N SER A 166 10.54 1.89 3.10
CA SER A 166 11.72 1.23 3.67
C SER A 166 12.89 1.21 2.68
N GLY A 167 12.61 0.96 1.40
CA GLY A 167 13.65 0.94 0.39
C GLY A 167 13.94 -0.45 -0.14
N SER A 168 15.20 -0.72 -0.46
CA SER A 168 15.60 -2.04 -0.94
C SER A 168 16.92 -2.53 -0.37
N THR A 169 17.78 -1.66 0.14
CA THR A 169 19.05 -2.07 0.77
C THR A 169 19.44 -1.09 1.86
N GLY A 170 19.09 0.18 1.68
CA GLY A 170 19.38 1.22 2.64
C GLY A 170 18.26 1.38 3.65
N ALA A 171 18.30 2.51 4.36
CA ALA A 171 17.27 2.83 5.32
C ALA A 171 16.06 3.46 4.63
N PRO A 172 14.90 3.45 5.28
CA PRO A 172 13.74 4.14 4.70
C PRO A 172 13.99 5.62 4.48
N LYS A 173 13.37 6.14 3.42
CA LYS A 173 13.53 7.51 2.97
C LYS A 173 12.17 8.15 2.81
N GLY A 174 12.12 9.47 3.02
CA GLY A 174 10.86 10.17 3.03
C GLY A 174 10.43 10.55 1.64
N VAL A 175 9.17 10.28 1.32
CA VAL A 175 8.56 10.67 0.05
C VAL A 175 7.51 11.72 0.34
N ALA A 176 7.64 12.89 -0.28
CA ALA A 176 6.70 13.98 -0.11
C ALA A 176 5.76 14.00 -1.30
N VAL A 177 4.45 13.95 -1.02
CA VAL A 177 3.43 13.83 -2.05
C VAL A 177 2.53 15.06 -1.98
N SER A 178 2.29 15.67 -3.14
CA SER A 178 1.52 16.89 -3.14
C SER A 178 0.03 16.61 -3.12
N HIS A 179 -0.75 17.63 -2.75
CA HIS A 179 -2.19 17.51 -2.82
C HIS A 179 -2.64 17.16 -4.25
N ARG A 180 -2.05 17.82 -5.24
CA ARG A 180 -2.40 17.54 -6.65
C ARG A 180 -2.21 16.06 -6.96
N SER A 181 -1.10 15.49 -6.56
CA SER A 181 -0.86 14.06 -6.79
C SER A 181 -1.87 13.21 -6.03
N ALA A 182 -2.02 13.47 -4.73
CA ALA A 182 -2.93 12.68 -3.91
C ALA A 182 -4.36 12.76 -4.46
N ALA A 183 -4.83 13.97 -4.77
CA ALA A 183 -6.16 14.13 -5.35
C ALA A 183 -6.27 13.44 -6.71
N ALA A 184 -5.24 13.58 -7.55
CA ALA A 184 -5.25 12.91 -8.85
C ALA A 184 -5.36 11.39 -8.68
N PHE A 185 -4.68 10.83 -7.67
CA PHE A 185 -4.82 9.41 -7.42
C PHE A 185 -6.24 9.07 -7.01
N VAL A 186 -6.81 9.83 -6.07
CA VAL A 186 -8.16 9.55 -5.59
C VAL A 186 -9.18 9.67 -6.72
N ASP A 187 -9.08 10.73 -7.52
CA ASP A 187 -9.98 10.89 -8.66
C ASP A 187 -9.75 9.83 -9.72
N ALA A 188 -8.50 9.42 -9.96
CA ALA A 188 -8.25 8.32 -10.89
C ALA A 188 -9.02 7.08 -10.48
N GLU A 189 -8.99 6.71 -9.19
CA GLU A 189 -9.65 5.50 -8.75
C GLU A 189 -11.16 5.59 -8.85
N ALA A 190 -11.72 6.81 -8.85
CA ALA A 190 -13.15 7.02 -9.06
C ALA A 190 -13.61 6.64 -10.46
N ASP A 191 -12.69 6.48 -11.42
CA ASP A 191 -13.02 6.01 -12.76
C ASP A 191 -12.73 4.53 -12.94
N LEU A 192 -12.38 3.84 -11.86
CA LEU A 192 -11.83 2.49 -11.96
C LEU A 192 -12.76 1.46 -11.31
N PHE A 193 -12.94 1.52 -9.98
CA PHE A 193 -13.68 0.50 -9.26
C PHE A 193 -15.19 0.66 -9.40
N CYS A 194 -15.88 -0.45 -9.57
CA CYS A 194 -17.34 -0.52 -9.44
C CYS A 194 -18.03 0.53 -10.30
N GLN A 195 -17.61 0.64 -11.56
CA GLN A 195 -18.28 1.58 -12.44
C GLN A 195 -19.76 1.24 -12.60
N ASP A 196 -20.11 -0.03 -12.50
CA ASP A 196 -21.50 -0.44 -12.69
C ASP A 196 -22.38 -0.02 -11.52
N GLN A 197 -21.83 0.02 -10.31
CA GLN A 197 -22.57 0.34 -9.10
C GLN A 197 -21.67 1.16 -8.20
N PRO A 198 -21.54 2.45 -8.46
CA PRO A 198 -20.47 3.24 -7.83
C PRO A 198 -20.53 3.21 -6.31
N LEU A 199 -19.36 3.38 -5.70
CA LEU A 199 -19.28 3.54 -4.25
C LEU A 199 -20.03 4.78 -3.81
N GLY A 200 -20.74 4.67 -2.68
CA GLY A 200 -21.52 5.78 -2.21
C GLY A 200 -22.13 5.51 -0.85
N PRO A 201 -22.96 6.43 -0.37
CA PRO A 201 -23.67 6.21 0.90
C PRO A 201 -24.24 4.80 0.96
N GLY A 202 -24.06 4.13 2.09
CA GLY A 202 -24.36 2.72 2.23
C GLY A 202 -23.14 1.82 2.16
N ASP A 203 -22.12 2.20 1.40
CA ASP A 203 -20.90 1.44 1.47
C ASP A 203 -20.13 1.76 2.76
N ARG A 204 -19.48 0.75 3.30
CA ARG A 204 -18.76 0.85 4.55
C ARG A 204 -17.39 0.25 4.33
N VAL A 205 -16.36 1.08 4.53
CA VAL A 205 -14.99 0.82 4.09
C VAL A 205 -14.13 0.50 5.32
N LEU A 206 -13.53 -0.68 5.33
CA LEU A 206 -12.57 -1.01 6.37
C LEU A 206 -11.36 -0.07 6.29
N ALA A 207 -10.90 0.39 7.45
CA ALA A 207 -9.61 1.07 7.58
C ALA A 207 -8.78 0.25 8.57
N GLY A 208 -7.98 -0.67 8.03
CA GLY A 208 -7.19 -1.57 8.85
C GLY A 208 -5.71 -1.54 8.53
N LEU A 209 -5.31 -0.78 7.53
CA LEU A 209 -3.90 -0.70 7.18
C LEU A 209 -3.22 0.41 7.98
N SER A 210 -1.94 0.21 8.29
CA SER A 210 -1.18 1.22 9.02
C SER A 210 -1.20 2.55 8.28
N VAL A 211 -1.35 3.65 9.03
CA VAL A 211 -1.33 4.95 8.37
C VAL A 211 0.07 5.32 7.89
N ALA A 212 1.12 4.66 8.39
CA ALA A 212 2.50 4.77 7.89
C ALA A 212 2.68 4.17 6.50
N PHE A 213 1.72 3.40 6.01
CA PHE A 213 1.77 2.75 4.71
C PHE A 213 0.73 3.40 3.81
N ASP A 214 1.15 3.88 2.64
CA ASP A 214 0.24 4.77 1.89
C ASP A 214 -0.99 4.07 1.32
N ALA A 215 -1.07 2.73 1.35
CA ALA A 215 -2.33 2.08 1.01
C ALA A 215 -3.46 2.52 1.92
N SER A 216 -3.14 2.97 3.16
CA SER A 216 -4.16 3.50 4.07
C SER A 216 -4.81 4.75 3.52
N CYS A 217 -4.10 5.49 2.67
CA CYS A 217 -4.72 6.60 1.95
C CYS A 217 -5.78 6.11 0.98
N GLU A 218 -5.53 4.98 0.33
CA GLU A 218 -6.60 4.41 -0.49
C GLU A 218 -7.83 4.09 0.37
N GLU A 219 -7.62 3.48 1.54
CA GLU A 219 -8.73 3.18 2.44
C GLU A 219 -9.53 4.42 2.79
N MET A 220 -8.83 5.46 3.24
CA MET A 220 -9.49 6.68 3.69
C MET A 220 -10.37 7.27 2.60
N TRP A 221 -9.83 7.42 1.41
CA TRP A 221 -10.58 8.13 0.38
C TRP A 221 -11.55 7.22 -0.38
N LEU A 222 -11.40 5.89 -0.29
CA LEU A 222 -12.47 5.05 -0.80
C LEU A 222 -13.78 5.31 -0.08
N ALA A 223 -13.72 5.88 1.12
CA ALA A 223 -14.93 6.35 1.81
C ALA A 223 -15.21 7.81 1.47
N TRP A 224 -14.22 8.69 1.67
CA TRP A 224 -14.51 10.11 1.70
C TRP A 224 -14.60 10.74 0.32
N ARG A 225 -14.19 10.03 -0.73
CA ARG A 225 -14.39 10.54 -2.08
C ARG A 225 -15.82 10.37 -2.57
N TYR A 226 -16.62 9.51 -1.93
CA TYR A 226 -17.91 9.09 -2.46
C TYR A 226 -19.08 9.24 -1.49
N GLY A 227 -18.85 9.68 -0.26
CA GLY A 227 -19.92 9.70 0.73
C GLY A 227 -20.18 8.37 1.40
N ALA A 228 -19.31 7.40 1.18
CA ALA A 228 -19.35 6.17 1.96
C ALA A 228 -18.76 6.44 3.35
N CYS A 229 -18.75 5.41 4.19
CA CYS A 229 -18.40 5.53 5.60
C CYS A 229 -17.12 4.77 5.88
N LEU A 230 -16.17 5.41 6.57
CA LEU A 230 -14.93 4.75 7.00
C LEU A 230 -15.13 4.05 8.35
N VAL A 231 -14.70 2.78 8.42
CA VAL A 231 -14.90 1.98 9.62
C VAL A 231 -13.54 1.48 10.11
N PRO A 232 -12.87 2.22 10.98
CA PRO A 232 -11.52 1.82 11.42
C PRO A 232 -11.56 0.56 12.28
N ALA A 233 -10.52 -0.27 12.11
CA ALA A 233 -10.27 -1.42 12.96
C ALA A 233 -8.82 -1.38 13.44
N PRO A 234 -8.54 -1.84 14.66
CA PRO A 234 -7.14 -1.85 15.13
C PRO A 234 -6.32 -2.90 14.39
N ARG A 235 -5.03 -2.58 14.20
CA ARG A 235 -4.18 -3.43 13.39
C ARG A 235 -4.18 -4.87 13.87
N ALA A 236 -4.16 -5.07 15.19
CA ALA A 236 -4.13 -6.43 15.72
C ALA A 236 -5.32 -7.24 15.22
N LEU A 237 -6.48 -6.60 15.09
CA LEU A 237 -7.66 -7.33 14.64
C LEU A 237 -7.46 -7.87 13.24
N VAL A 238 -6.91 -7.04 12.35
CA VAL A 238 -6.63 -7.42 10.97
C VAL A 238 -5.66 -8.59 10.87
N ARG A 239 -4.84 -8.83 11.88
CA ARG A 239 -3.92 -9.96 11.89
C ARG A 239 -4.50 -11.20 12.57
N ALA A 240 -5.75 -11.15 13.01
CA ALA A 240 -6.39 -12.23 13.77
C ALA A 240 -7.67 -12.66 13.06
N GLY A 241 -7.53 -13.56 12.09
CA GLY A 241 -8.61 -13.82 11.14
C GLY A 241 -9.89 -14.35 11.78
N HIS A 242 -9.77 -15.21 12.79
CA HIS A 242 -10.97 -15.77 13.40
C HIS A 242 -11.80 -14.71 14.09
N GLU A 243 -11.15 -13.65 14.59
CA GLU A 243 -11.85 -12.55 15.22
C GLU A 243 -12.31 -11.50 14.21
N LEU A 244 -11.56 -11.31 13.13
CA LEU A 244 -11.90 -10.28 12.13
C LEU A 244 -13.20 -10.61 11.41
N GLY A 245 -13.37 -11.86 10.98
CA GLY A 245 -14.55 -12.27 10.25
C GLY A 245 -15.85 -11.82 10.89
N PRO A 246 -16.12 -12.31 12.09
CA PRO A 246 -17.35 -11.86 12.79
C PRO A 246 -17.47 -10.34 12.90
N TRP A 247 -16.35 -9.64 13.14
CA TRP A 247 -16.36 -8.19 13.26
C TRP A 247 -16.76 -7.52 11.94
N LEU A 248 -16.26 -8.01 10.80
CA LEU A 248 -16.61 -7.39 9.52
C LEU A 248 -18.09 -7.55 9.23
N VAL A 249 -18.64 -8.75 9.49
CA VAL A 249 -20.07 -8.98 9.28
C VAL A 249 -20.88 -8.05 10.16
N GLU A 250 -20.56 -8.00 11.46
CA GLU A 250 -21.25 -7.10 12.38
C GLU A 250 -21.25 -5.66 11.88
N ARG A 251 -20.08 -5.17 11.44
CA ARG A 251 -19.93 -3.79 11.00
C ARG A 251 -20.49 -3.55 9.60
N GLY A 252 -20.92 -4.60 8.91
CA GLY A 252 -21.47 -4.38 7.58
C GLY A 252 -20.48 -3.84 6.57
N ILE A 253 -19.21 -4.27 6.67
CA ILE A 253 -18.19 -3.81 5.74
C ILE A 253 -18.52 -4.25 4.32
N THR A 254 -18.46 -3.32 3.36
CA THR A 254 -18.61 -3.69 1.96
C THR A 254 -17.35 -3.49 1.11
N VAL A 255 -16.31 -2.85 1.63
CA VAL A 255 -15.11 -2.53 0.86
C VAL A 255 -13.88 -2.85 1.70
N VAL A 256 -12.97 -3.67 1.16
CA VAL A 256 -11.74 -4.06 1.85
C VAL A 256 -10.55 -3.81 0.93
N SER A 257 -9.58 -3.05 1.44
CA SER A 257 -8.30 -2.85 0.76
C SER A 257 -7.22 -3.41 1.66
N THR A 258 -6.43 -4.34 1.15
CA THR A 258 -5.51 -5.06 2.02
C THR A 258 -4.28 -5.50 1.22
N VAL A 259 -3.45 -6.32 1.87
CA VAL A 259 -2.18 -6.82 1.36
C VAL A 259 -2.23 -8.34 1.34
N PRO A 260 -1.72 -9.00 0.28
CA PRO A 260 -1.92 -10.46 0.18
C PRO A 260 -1.53 -11.27 1.41
N THR A 261 -0.37 -11.00 2.04
CA THR A 261 0.03 -11.84 3.17
C THR A 261 -1.01 -11.75 4.29
N LEU A 262 -1.52 -10.55 4.56
CA LEU A 262 -2.63 -10.39 5.52
C LEU A 262 -3.84 -11.23 5.11
N ALA A 263 -4.35 -11.01 3.90
CA ALA A 263 -5.58 -11.68 3.51
C ALA A 263 -5.39 -13.19 3.37
N ALA A 264 -4.17 -13.62 3.03
CA ALA A 264 -3.90 -15.05 2.89
C ALA A 264 -4.32 -15.82 4.14
N LEU A 265 -4.07 -15.22 5.30
CA LEU A 265 -4.28 -15.87 6.58
C LEU A 265 -5.67 -15.62 7.14
N TRP A 266 -6.55 -14.91 6.39
CA TRP A 266 -7.91 -14.67 6.83
C TRP A 266 -8.79 -15.90 6.61
N PRO A 267 -9.80 -16.10 7.44
CA PRO A 267 -10.74 -17.20 7.20
C PRO A 267 -11.48 -17.00 5.88
N ASP A 268 -11.53 -18.06 5.08
CA ASP A 268 -12.08 -18.01 3.72
C ASP A 268 -13.36 -17.18 3.63
N GLU A 269 -14.37 -17.48 4.45
CA GLU A 269 -15.62 -16.72 4.39
C GLU A 269 -15.59 -15.45 5.25
N ALA A 270 -14.41 -14.86 5.45
CA ALA A 270 -14.28 -13.60 6.15
C ALA A 270 -14.60 -12.39 5.27
N MET A 271 -14.94 -12.61 4.01
CA MET A 271 -15.22 -11.55 3.05
C MET A 271 -16.67 -11.59 2.56
N ARG A 272 -17.53 -12.43 3.14
CA ARG A 272 -18.93 -12.44 2.74
C ARG A 272 -19.50 -11.04 2.86
N ARG A 273 -20.29 -10.64 1.87
CA ARG A 273 -20.90 -9.32 1.83
C ARG A 273 -19.91 -8.22 1.45
N VAL A 274 -18.61 -8.53 1.31
CA VAL A 274 -17.66 -7.58 0.74
C VAL A 274 -17.79 -7.59 -0.78
N ARG A 275 -18.19 -6.44 -1.35
CA ARG A 275 -18.40 -6.34 -2.78
C ARG A 275 -17.20 -5.77 -3.55
N LEU A 276 -16.22 -5.19 -2.87
CA LEU A 276 -15.02 -4.65 -3.51
C LEU A 276 -13.83 -5.05 -2.67
N LEU A 277 -12.98 -5.93 -3.20
CA LEU A 277 -11.76 -6.36 -2.56
C LEU A 277 -10.58 -5.90 -3.40
N ILE A 278 -9.68 -5.12 -2.79
CA ILE A 278 -8.49 -4.61 -3.42
C ILE A 278 -7.26 -5.19 -2.70
N VAL A 279 -6.30 -5.72 -3.46
CA VAL A 279 -5.01 -6.11 -2.90
C VAL A 279 -3.90 -5.31 -3.59
N GLY A 280 -2.82 -5.04 -2.84
CA GLY A 280 -1.68 -4.37 -3.42
C GLY A 280 -0.47 -4.48 -2.52
N GLY A 281 0.65 -3.94 -3.01
CA GLY A 281 1.85 -3.86 -2.21
C GLY A 281 2.84 -5.00 -2.40
N GLU A 282 2.37 -6.18 -2.81
CA GLU A 282 3.23 -7.33 -3.13
C GLU A 282 2.43 -8.25 -4.05
N SER A 283 3.08 -9.31 -4.54
CA SER A 283 2.46 -10.14 -5.56
C SER A 283 1.24 -10.84 -5.01
N CYS A 284 0.15 -10.81 -5.77
CA CYS A 284 -1.07 -11.50 -5.36
C CYS A 284 -1.02 -12.96 -5.82
N PRO A 285 -0.98 -13.92 -4.89
CA PRO A 285 -0.93 -15.33 -5.30
C PRO A 285 -2.19 -15.73 -6.07
N ALA A 286 -2.00 -16.61 -7.07
CA ALA A 286 -3.13 -17.07 -7.88
C ALA A 286 -4.26 -17.63 -7.02
N GLY A 287 -3.92 -18.34 -5.93
CA GLY A 287 -4.93 -18.91 -5.07
C GLY A 287 -5.88 -17.88 -4.47
N LEU A 288 -5.39 -16.66 -4.19
CA LEU A 288 -6.29 -15.65 -3.63
C LEU A 288 -7.37 -15.24 -4.62
N VAL A 289 -7.06 -15.25 -5.92
CA VAL A 289 -8.10 -14.99 -6.91
C VAL A 289 -9.14 -16.09 -6.88
N ASP A 290 -8.70 -17.34 -6.82
CA ASP A 290 -9.62 -18.47 -6.77
C ASP A 290 -10.54 -18.39 -5.56
N ARG A 291 -10.04 -17.80 -4.48
CA ARG A 291 -10.77 -17.79 -3.22
C ARG A 291 -11.84 -16.69 -3.20
N PHE A 292 -11.61 -15.57 -3.90
CA PHE A 292 -12.44 -14.38 -3.72
C PHE A 292 -13.02 -13.76 -4.99
N ALA A 293 -12.51 -14.06 -6.18
CA ALA A 293 -13.00 -13.40 -7.39
C ALA A 293 -14.19 -14.14 -7.99
N GLY A 294 -15.18 -13.39 -8.44
CA GLY A 294 -16.37 -13.96 -9.03
C GLY A 294 -17.53 -12.98 -9.03
N PRO A 295 -18.65 -13.36 -9.63
CA PRO A 295 -19.79 -12.43 -9.74
C PRO A 295 -20.25 -11.96 -8.37
N GLY A 296 -20.60 -10.68 -8.28
CA GLY A 296 -20.97 -10.04 -7.03
C GLY A 296 -19.80 -9.59 -6.17
N ARG A 297 -18.56 -9.72 -6.64
CA ARG A 297 -17.40 -9.15 -5.95
C ARG A 297 -16.35 -8.77 -6.97
N GLU A 298 -16.12 -7.46 -7.13
CA GLU A 298 -14.95 -6.99 -7.87
C GLU A 298 -13.70 -7.19 -7.03
N MET A 299 -12.75 -7.97 -7.55
CA MET A 299 -11.43 -8.10 -6.97
C MET A 299 -10.42 -7.42 -7.89
N TRP A 300 -9.58 -6.54 -7.33
CA TRP A 300 -8.64 -5.73 -8.09
C TRP A 300 -7.23 -5.90 -7.55
N ASN A 301 -6.28 -6.07 -8.46
CA ASN A 301 -4.88 -5.96 -8.13
C ASN A 301 -4.46 -4.50 -8.35
N THR A 302 -3.68 -3.98 -7.42
CA THR A 302 -3.16 -2.61 -7.53
C THR A 302 -1.66 -2.66 -7.34
N TYR A 303 -0.91 -1.98 -8.20
CA TYR A 303 0.54 -1.86 -8.09
C TYR A 303 0.96 -0.40 -8.06
N GLY A 304 1.95 -0.08 -7.26
CA GLY A 304 2.52 1.25 -7.27
C GLY A 304 3.51 1.48 -6.16
N PRO A 305 4.57 2.23 -6.47
CA PRO A 305 5.50 2.65 -5.42
C PRO A 305 4.98 3.89 -4.70
N THR A 306 5.37 4.03 -3.44
CA THR A 306 5.08 5.25 -2.70
C THR A 306 5.52 6.49 -3.50
N GLU A 307 6.60 6.36 -4.28
CA GLU A 307 7.18 7.46 -5.04
C GLU A 307 6.27 7.99 -6.17
N THR A 308 5.25 7.22 -6.60
CA THR A 308 4.32 7.73 -7.60
C THR A 308 2.88 7.72 -7.10
N THR A 309 2.69 7.94 -5.79
CA THR A 309 1.41 8.18 -5.13
C THR A 309 0.48 6.97 -5.12
N VAL A 310 0.81 5.99 -4.29
CA VAL A 310 -0.07 4.90 -3.88
C VAL A 310 -0.21 3.85 -4.97
N VAL A 311 -0.91 4.17 -6.05
CA VAL A 311 -1.23 3.19 -7.10
C VAL A 311 -0.92 3.78 -8.46
N ALA A 312 -0.18 3.02 -9.28
CA ALA A 312 0.12 3.44 -10.64
C ALA A 312 -0.61 2.63 -11.71
N CYS A 313 -0.93 1.36 -11.45
CA CYS A 313 -1.73 0.59 -12.39
C CYS A 313 -2.52 -0.47 -11.64
N ALA A 314 -3.58 -0.95 -12.27
CA ALA A 314 -4.50 -1.89 -11.64
C ALA A 314 -5.10 -2.81 -12.69
N ALA A 315 -5.59 -3.97 -12.23
CA ALA A 315 -6.28 -4.92 -13.10
C ALA A 315 -7.38 -5.63 -12.33
N ARG A 316 -8.54 -5.83 -12.96
CA ARG A 316 -9.54 -6.75 -12.41
C ARG A 316 -8.93 -8.14 -12.33
N LEU A 317 -9.12 -8.81 -11.19
CA LEU A 317 -8.70 -10.19 -11.02
C LEU A 317 -9.91 -11.09 -11.21
N LEU A 318 -9.84 -11.97 -12.22
CA LEU A 318 -10.91 -12.88 -12.60
C LEU A 318 -10.37 -14.30 -12.68
N PRO A 319 -11.19 -15.30 -12.34
CA PRO A 319 -10.71 -16.69 -12.39
C PRO A 319 -10.44 -17.15 -13.83
N GLY A 320 -9.41 -17.99 -13.97
CA GLY A 320 -8.98 -18.47 -15.28
C GLY A 320 -8.08 -17.53 -16.04
N GLU A 321 -7.82 -16.30 -15.50
CA GLU A 321 -6.91 -15.30 -16.03
C GLU A 321 -5.62 -15.24 -15.23
N PRO A 322 -4.48 -15.03 -15.89
CA PRO A 322 -3.25 -14.74 -15.15
C PRO A 322 -3.40 -13.49 -14.29
N VAL A 323 -2.75 -13.53 -13.13
CA VAL A 323 -2.65 -12.35 -12.29
C VAL A 323 -1.83 -11.29 -13.02
N ARG A 324 -2.46 -10.15 -13.29
CA ARG A 324 -1.78 -9.00 -13.84
C ARG A 324 -1.78 -7.88 -12.80
N ILE A 325 -0.80 -6.97 -12.96
CA ILE A 325 -0.85 -5.68 -12.27
C ILE A 325 -1.51 -4.63 -13.14
N GLY A 326 -1.56 -4.83 -14.46
CA GLY A 326 -2.54 -4.10 -15.26
C GLY A 326 -2.11 -2.91 -16.06
N LEU A 327 -2.96 -1.88 -16.07
CA LEU A 327 -2.93 -0.69 -16.89
C LEU A 327 -2.91 0.57 -16.03
N PRO A 328 -2.32 1.66 -16.51
CA PRO A 328 -2.11 2.85 -15.66
C PRO A 328 -3.40 3.56 -15.27
N LEU A 329 -3.38 4.19 -14.09
CA LEU A 329 -4.45 5.10 -13.71
C LEU A 329 -4.43 6.35 -14.58
N LYS A 330 -5.58 7.03 -14.62
CA LYS A 330 -5.70 8.26 -15.38
C LYS A 330 -4.71 9.28 -14.85
N GLY A 331 -3.69 9.60 -15.66
CA GLY A 331 -2.64 10.54 -15.30
C GLY A 331 -1.27 9.91 -15.20
N TRP A 332 -1.19 8.59 -15.11
CA TRP A 332 0.06 7.87 -15.02
C TRP A 332 0.47 7.38 -16.41
N GLN A 333 1.78 7.35 -16.65
CA GLN A 333 2.34 6.88 -17.91
C GLN A 333 3.39 5.82 -17.58
N LEU A 334 3.35 4.70 -18.30
CA LEU A 334 4.23 3.58 -18.03
C LEU A 334 5.08 3.27 -19.25
N ALA A 335 6.35 2.94 -19.00
CA ALA A 335 7.25 2.46 -20.04
C ALA A 335 8.01 1.28 -19.48
N VAL A 336 8.23 0.27 -20.31
CA VAL A 336 9.03 -0.90 -19.97
C VAL A 336 10.22 -0.92 -20.91
N VAL A 337 11.43 -0.94 -20.35
CA VAL A 337 12.65 -0.61 -21.08
C VAL A 337 13.71 -1.66 -20.83
N ASP A 338 14.62 -1.81 -21.79
CA ASP A 338 15.77 -2.69 -21.60
C ASP A 338 16.90 -1.93 -20.87
N ARG A 339 18.05 -2.60 -20.69
CA ARG A 339 19.21 -1.94 -20.12
C ARG A 339 19.55 -0.65 -20.88
N THR A 340 19.57 -0.74 -22.20
CA THR A 340 19.80 0.41 -23.05
C THR A 340 18.90 1.59 -22.71
N GLY A 341 17.82 1.37 -21.96
CA GLY A 341 16.79 2.38 -21.78
C GLY A 341 15.79 2.50 -22.91
N GLN A 342 15.73 1.48 -23.84
CA GLN A 342 14.72 1.70 -24.87
C GLN A 342 13.50 0.81 -24.61
N PRO A 343 12.31 1.24 -25.01
CA PRO A 343 11.11 0.45 -24.73
C PRO A 343 11.16 -0.91 -25.42
N VAL A 344 10.85 -1.96 -24.66
CA VAL A 344 10.81 -3.32 -25.21
C VAL A 344 9.54 -3.53 -26.01
N PRO A 345 9.46 -4.57 -26.83
CA PRO A 345 8.21 -4.92 -27.49
C PRO A 345 7.30 -5.76 -26.59
N PHE A 346 6.02 -5.75 -26.94
CA PHE A 346 5.05 -6.62 -26.27
C PHE A 346 5.56 -8.06 -26.24
N GLY A 347 5.30 -8.74 -25.12
CA GLY A 347 5.82 -10.07 -24.89
C GLY A 347 7.14 -10.12 -24.17
N ALA A 348 7.89 -9.02 -24.18
CA ALA A 348 9.22 -8.97 -23.58
C ALA A 348 9.16 -8.47 -22.13
N GLU A 349 10.26 -8.69 -21.42
CA GLU A 349 10.41 -8.20 -20.07
C GLU A 349 11.38 -7.04 -20.04
N GLY A 350 11.17 -6.14 -19.07
CA GLY A 350 11.96 -4.93 -18.93
C GLY A 350 11.72 -4.31 -17.57
N GLU A 351 12.43 -3.23 -17.31
CA GLU A 351 12.21 -2.47 -16.10
C GLU A 351 11.11 -1.45 -16.32
N LEU A 352 10.21 -1.35 -15.34
CA LEU A 352 9.09 -0.43 -15.41
C LEU A 352 9.54 0.98 -15.01
N LEU A 353 9.12 1.96 -15.80
CA LEU A 353 9.34 3.38 -15.55
C LEU A 353 7.99 4.10 -15.49
N ILE A 354 7.85 5.05 -14.57
CA ILE A 354 6.56 5.70 -14.32
C ILE A 354 6.74 7.20 -14.36
N SER A 355 5.90 7.87 -15.12
CA SER A 355 5.85 9.31 -15.05
C SER A 355 4.39 9.73 -14.92
N GLY A 356 4.18 11.03 -14.87
CA GLY A 356 2.84 11.57 -14.88
C GLY A 356 2.50 12.29 -13.58
N VAL A 357 1.20 12.50 -13.40
CA VAL A 357 0.68 13.36 -12.33
C VAL A 357 1.02 12.83 -10.94
N GLY A 358 1.27 11.52 -10.80
CA GLY A 358 1.55 10.96 -9.50
C GLY A 358 2.99 10.95 -9.04
N THR A 359 3.94 11.33 -9.90
CA THR A 359 5.34 11.28 -9.49
C THR A 359 5.58 12.27 -8.36
N ALA A 360 6.21 11.80 -7.29
CA ALA A 360 6.38 12.59 -6.09
C ALA A 360 7.84 13.02 -6.01
N ARG A 361 8.46 12.96 -4.83
CA ARG A 361 9.86 13.34 -4.68
C ARG A 361 10.37 12.82 -3.35
N TYR A 362 11.69 12.67 -3.26
CA TYR A 362 12.30 12.36 -1.99
C TYR A 362 12.66 13.65 -1.25
N LEU A 363 12.56 13.59 0.08
CA LEU A 363 13.06 14.71 0.89
C LEU A 363 14.54 14.94 0.63
N ASP A 364 15.31 13.87 0.54
CA ASP A 364 16.75 13.96 0.38
C ASP A 364 17.10 14.31 -1.06
N PRO A 365 17.68 15.48 -1.33
CA PRO A 365 17.97 15.82 -2.74
C PRO A 365 18.84 14.79 -3.45
N ALA A 366 19.81 14.20 -2.76
CA ALA A 366 20.68 13.23 -3.40
C ALA A 366 19.89 11.99 -3.82
N LYS A 367 19.01 11.49 -2.93
CA LYS A 367 18.21 10.34 -3.28
C LYS A 367 17.29 10.65 -4.44
N ASP A 368 16.74 11.86 -4.48
CA ASP A 368 15.86 12.22 -5.58
C ASP A 368 16.61 12.23 -6.92
N ALA A 369 17.88 12.65 -6.90
CA ALA A 369 18.65 12.70 -8.14
C ALA A 369 18.86 11.31 -8.74
N GLU A 370 18.97 10.26 -7.92
CA GLU A 370 19.29 8.97 -8.52
C GLU A 370 18.07 8.13 -8.93
N ARG A 371 16.86 8.50 -8.50
CA ARG A 371 15.67 7.74 -8.89
C ARG A 371 14.75 8.47 -9.85
N PHE A 372 14.74 9.80 -9.82
CA PHE A 372 13.92 10.59 -10.74
C PHE A 372 14.86 11.25 -11.74
N ARG A 373 14.71 10.92 -13.01
CA ARG A 373 15.55 11.46 -14.06
C ARG A 373 14.71 11.63 -15.31
N PRO A 374 15.15 12.47 -16.23
CA PRO A 374 14.46 12.50 -17.53
C PRO A 374 14.70 11.19 -18.24
N ASP A 375 13.70 10.76 -19.01
CA ASP A 375 13.90 9.60 -19.88
C ASP A 375 13.17 9.86 -21.18
N ASP A 376 13.94 9.83 -22.28
CA ASP A 376 13.41 10.14 -23.61
C ASP A 376 12.20 9.26 -23.93
N ALA A 377 12.27 7.97 -23.56
CA ALA A 377 11.18 7.04 -23.74
C ALA A 377 9.81 7.68 -23.45
N LEU A 378 9.59 8.18 -22.23
CA LEU A 378 8.29 8.80 -21.91
C LEU A 378 8.25 10.30 -22.19
N GLY A 379 9.40 10.93 -22.44
CA GLY A 379 9.40 12.35 -22.74
C GLY A 379 8.88 13.21 -21.61
N ALA A 380 9.49 13.04 -20.45
CA ALA A 380 9.13 13.79 -19.27
C ALA A 380 10.40 14.05 -18.49
N ALA A 381 10.43 15.17 -17.77
CA ALA A 381 11.61 15.53 -17.00
C ALA A 381 11.79 14.58 -15.81
N ARG A 382 10.70 14.21 -15.15
CA ARG A 382 10.76 13.39 -13.96
C ARG A 382 10.08 12.05 -14.24
N VAL A 383 10.89 11.01 -14.27
CA VAL A 383 10.46 9.65 -14.49
C VAL A 383 11.02 8.82 -13.35
N TYR A 384 10.15 8.10 -12.66
CA TYR A 384 10.60 7.24 -11.57
C TYR A 384 10.99 5.87 -12.14
N ARG A 385 12.20 5.44 -11.81
CA ARG A 385 12.70 4.11 -12.17
C ARG A 385 12.38 3.17 -11.01
N THR A 386 11.48 2.21 -11.24
CA THR A 386 10.92 1.44 -10.14
C THR A 386 11.89 0.41 -9.61
N GLY A 387 12.80 -0.10 -10.44
CA GLY A 387 13.54 -1.27 -10.06
C GLY A 387 12.77 -2.57 -10.11
N ASP A 388 11.59 -2.60 -10.74
CA ASP A 388 10.80 -3.82 -10.87
C ASP A 388 10.84 -4.34 -12.31
N LEU A 389 11.00 -5.65 -12.45
CA LEU A 389 10.85 -6.34 -13.72
C LEU A 389 9.38 -6.66 -13.97
N VAL A 390 8.88 -6.30 -15.15
CA VAL A 390 7.52 -6.60 -15.59
C VAL A 390 7.56 -7.14 -17.01
N ARG A 391 6.56 -7.94 -17.36
CA ARG A 391 6.34 -8.41 -18.72
C ARG A 391 5.17 -7.65 -19.33
N ALA A 392 5.40 -7.09 -20.50
CA ALA A 392 4.45 -6.16 -21.11
C ALA A 392 3.56 -6.90 -22.11
N GLU A 393 2.25 -6.79 -21.91
CA GLU A 393 1.23 -7.26 -22.85
C GLU A 393 0.22 -6.14 -23.05
N PRO A 394 -0.40 -6.06 -24.24
CA PRO A 394 -1.33 -4.95 -24.48
C PRO A 394 -2.49 -4.92 -23.49
N GLU A 395 -2.88 -6.06 -22.95
CA GLU A 395 -4.00 -6.05 -22.02
C GLU A 395 -3.57 -5.81 -20.58
N GLY A 396 -2.29 -5.69 -20.30
CA GLY A 396 -1.84 -5.33 -18.97
C GLY A 396 -0.45 -5.88 -18.68
N LEU A 397 0.21 -5.22 -17.72
CA LEU A 397 1.52 -5.66 -17.26
C LEU A 397 1.40 -6.84 -16.31
N LEU A 398 2.41 -7.71 -16.37
CA LEU A 398 2.54 -8.81 -15.43
C LEU A 398 3.79 -8.56 -14.61
N PHE A 399 3.67 -8.63 -13.29
CA PHE A 399 4.82 -8.43 -12.43
C PHE A 399 5.74 -9.66 -12.45
N VAL A 400 7.04 -9.42 -12.59
CA VAL A 400 8.05 -10.48 -12.61
C VAL A 400 8.88 -10.51 -11.32
N GLY A 401 9.49 -9.39 -10.96
CA GLY A 401 10.28 -9.34 -9.73
C GLY A 401 11.27 -8.19 -9.77
N ARG A 402 12.32 -8.33 -8.97
CA ARG A 402 13.34 -7.29 -8.88
C ARG A 402 14.11 -7.15 -10.18
N ALA A 403 14.33 -5.90 -10.58
CA ALA A 403 15.19 -5.60 -11.73
C ALA A 403 16.65 -5.43 -11.33
N ASP A 404 16.91 -5.07 -10.08
CA ASP A 404 18.26 -4.98 -9.55
C ASP A 404 18.26 -5.44 -8.09
N ASP A 405 19.46 -5.57 -7.54
CA ASP A 405 19.68 -6.13 -6.20
C ASP A 405 18.90 -7.44 -6.03
N GLN A 406 19.09 -8.33 -6.99
CA GLN A 406 18.41 -9.61 -6.98
C GLN A 406 18.99 -10.52 -5.90
N ILE A 407 18.13 -11.37 -5.33
CA ILE A 407 18.57 -12.35 -4.35
C ILE A 407 19.54 -13.34 -5.00
N LYS A 408 20.62 -13.65 -4.29
CA LYS A 408 21.60 -14.63 -4.75
C LYS A 408 21.56 -15.86 -3.86
N LEU A 409 21.66 -17.02 -4.50
CA LEU A 409 21.78 -18.30 -3.81
C LEU A 409 23.03 -18.97 -4.34
N GLY A 410 24.02 -19.16 -3.46
CA GLY A 410 25.37 -19.39 -3.94
C GLY A 410 25.80 -18.13 -4.67
N GLY A 411 26.10 -18.26 -5.95
CA GLY A 411 26.36 -17.09 -6.76
C GLY A 411 25.24 -16.79 -7.73
N ARG A 412 24.29 -17.72 -7.83
CA ARG A 412 23.21 -17.64 -8.83
C ARG A 412 22.13 -16.65 -8.39
N ARG A 413 21.82 -15.71 -9.28
CA ARG A 413 20.68 -14.83 -9.07
C ARG A 413 19.39 -15.64 -9.16
N ILE A 414 18.51 -15.49 -8.16
CA ILE A 414 17.22 -16.17 -8.16
C ILE A 414 16.11 -15.16 -7.89
N GLU A 415 14.90 -15.49 -8.37
CA GLU A 415 13.71 -14.67 -8.14
C GLU A 415 12.85 -15.37 -7.09
N LEU A 416 12.75 -14.77 -5.90
CA LEU A 416 11.99 -15.42 -4.83
C LEU A 416 10.55 -15.66 -5.22
N GLY A 417 9.97 -14.74 -5.99
CA GLY A 417 8.57 -14.85 -6.35
C GLY A 417 8.22 -16.18 -6.96
N GLU A 418 9.15 -16.74 -7.75
CA GLU A 418 8.87 -18.03 -8.36
C GLU A 418 8.85 -19.14 -7.31
N ILE A 419 9.66 -19.02 -6.27
CA ILE A 419 9.59 -20.01 -5.19
C ILE A 419 8.33 -19.80 -4.34
N ASP A 420 8.00 -18.54 -4.03
CA ASP A 420 6.74 -18.23 -3.35
C ASP A 420 5.56 -18.90 -4.04
N ALA A 421 5.48 -18.73 -5.36
CA ALA A 421 4.37 -19.27 -6.13
C ALA A 421 4.35 -20.79 -6.10
N ALA A 422 5.51 -21.44 -6.20
CA ALA A 422 5.54 -22.90 -6.15
C ALA A 422 5.11 -23.41 -4.77
N LEU A 423 5.48 -22.71 -3.71
CA LEU A 423 5.07 -23.15 -2.39
C LEU A 423 3.57 -22.95 -2.20
N ALA A 424 3.05 -21.80 -2.66
CA ALA A 424 1.63 -21.50 -2.53
C ALA A 424 0.78 -22.47 -3.33
N ALA A 425 1.34 -23.04 -4.39
CA ALA A 425 0.61 -23.96 -5.24
C ALA A 425 0.51 -25.36 -4.65
N LEU A 426 1.21 -25.66 -3.56
CA LEU A 426 1.15 -26.99 -2.97
C LEU A 426 -0.24 -27.27 -2.43
N PRO A 427 -0.69 -28.53 -2.47
CA PRO A 427 -1.98 -28.87 -1.86
C PRO A 427 -1.88 -28.77 -0.35
N GLY A 428 -2.94 -28.24 0.26
CA GLY A 428 -2.99 -28.10 1.70
C GLY A 428 -2.28 -26.90 2.27
N VAL A 429 -1.88 -25.95 1.43
CA VAL A 429 -1.14 -24.77 1.85
C VAL A 429 -2.02 -23.55 1.63
N ARG A 430 -2.20 -22.73 2.67
CA ARG A 430 -2.96 -21.50 2.55
C ARG A 430 -2.11 -20.30 2.21
N GLY A 431 -0.79 -20.37 2.45
CA GLY A 431 0.09 -19.23 2.26
C GLY A 431 1.54 -19.63 2.51
N ALA A 432 2.48 -18.98 1.83
CA ALA A 432 3.86 -19.43 1.88
C ALA A 432 4.76 -18.27 1.49
N ALA A 433 6.01 -18.34 1.95
CA ALA A 433 7.04 -17.40 1.55
C ALA A 433 8.36 -18.12 1.63
N ALA A 434 9.25 -17.80 0.70
CA ALA A 434 10.59 -18.34 0.66
C ALA A 434 11.59 -17.32 1.18
N ALA A 435 12.77 -17.80 1.56
CA ALA A 435 13.83 -16.93 2.02
C ALA A 435 15.15 -17.66 1.83
N VAL A 436 16.17 -16.91 1.39
CA VAL A 436 17.53 -17.43 1.38
C VAL A 436 18.12 -17.05 2.73
N GLN A 437 18.43 -18.06 3.55
CA GLN A 437 19.02 -17.87 4.87
C GLN A 437 20.51 -18.17 4.86
N THR A 438 21.22 -17.54 5.79
CA THR A 438 22.63 -17.80 6.02
C THR A 438 22.80 -18.66 7.28
N THR A 439 23.51 -19.78 7.14
CA THR A 439 23.73 -20.64 8.31
C THR A 439 24.76 -20.02 9.26
N PRO A 440 24.78 -20.47 10.51
CA PRO A 440 25.75 -19.92 11.47
C PRO A 440 27.17 -19.97 10.98
N ALA A 441 27.54 -21.00 10.20
CA ALA A 441 28.90 -21.04 9.70
C ALA A 441 29.10 -20.18 8.45
N GLY A 442 28.05 -19.69 7.83
CA GLY A 442 28.17 -18.76 6.74
C GLY A 442 27.89 -19.32 5.34
N THR A 443 27.19 -20.45 5.24
CA THR A 443 26.70 -20.93 3.96
C THR A 443 25.25 -20.48 3.81
N GLN A 444 24.58 -20.97 2.77
CA GLN A 444 23.23 -20.52 2.45
C GLN A 444 22.29 -21.70 2.32
N VAL A 445 21.05 -21.49 2.75
CA VAL A 445 19.98 -22.46 2.62
C VAL A 445 18.75 -21.73 2.10
N LEU A 446 18.15 -22.26 1.05
CA LEU A 446 16.86 -21.76 0.56
C LEU A 446 15.77 -22.47 1.35
N VAL A 447 14.91 -21.71 2.02
CA VAL A 447 13.90 -22.28 2.91
C VAL A 447 12.52 -21.87 2.41
N GLY A 448 11.57 -22.80 2.50
CA GLY A 448 10.22 -22.48 2.12
C GLY A 448 9.28 -22.58 3.30
N TYR A 449 8.75 -21.45 3.75
CA TYR A 449 7.87 -21.41 4.90
C TYR A 449 6.42 -21.52 4.45
N VAL A 450 5.69 -22.45 5.05
CA VAL A 450 4.39 -22.84 4.53
C VAL A 450 3.40 -22.87 5.69
N VAL A 451 2.23 -22.26 5.49
CA VAL A 451 1.16 -22.25 6.48
C VAL A 451 0.12 -23.27 6.05
N PRO A 452 0.02 -24.42 6.71
CA PRO A 452 -0.93 -25.46 6.28
C PRO A 452 -2.37 -25.17 6.67
N GLU A 453 -3.30 -25.57 5.79
CA GLU A 453 -4.73 -25.34 6.01
C GLU A 453 -5.25 -26.10 7.24
N PHE A 462 -1.91 -31.38 4.57
CA PHE A 462 -0.52 -31.11 4.21
C PHE A 462 0.45 -32.19 4.74
N GLN A 463 1.18 -32.84 3.82
CA GLN A 463 2.16 -33.87 4.15
C GLN A 463 3.53 -33.43 3.66
N GLN A 464 4.47 -33.29 4.60
CA GLN A 464 5.77 -32.70 4.28
C GLN A 464 6.52 -33.51 3.23
N ASP A 465 6.67 -34.81 3.46
CA ASP A 465 7.45 -35.61 2.53
C ASP A 465 6.84 -35.59 1.14
N LYS A 466 5.52 -35.48 1.05
CA LYS A 466 4.84 -35.45 -0.23
C LYS A 466 4.89 -34.08 -0.87
N ALA A 467 4.98 -33.01 -0.07
CA ALA A 467 5.15 -31.68 -0.63
C ALA A 467 6.54 -31.53 -1.25
N ARG A 468 7.56 -32.03 -0.56
CA ARG A 468 8.91 -32.00 -1.11
C ARG A 468 8.95 -32.70 -2.47
N ALA A 469 8.32 -33.88 -2.57
CA ALA A 469 8.32 -34.61 -3.83
C ALA A 469 7.71 -33.79 -4.95
N LEU A 470 6.61 -33.09 -4.67
CA LEU A 470 6.03 -32.22 -5.68
C LEU A 470 6.98 -31.09 -6.08
N LEU A 471 7.64 -30.48 -5.09
CA LEU A 471 8.60 -29.42 -5.40
C LEU A 471 9.72 -29.95 -6.27
N GLN A 472 10.14 -31.21 -6.05
CA GLN A 472 11.22 -31.80 -6.83
C GLN A 472 10.79 -32.08 -8.27
N GLU A 473 9.51 -32.34 -8.51
CA GLU A 473 9.03 -32.47 -9.88
C GLU A 473 8.87 -31.15 -10.61
N ARG A 474 8.86 -30.01 -9.91
CA ARG A 474 8.57 -28.74 -10.57
C ARG A 474 9.70 -27.73 -10.52
N LEU A 475 10.71 -27.94 -9.69
CA LEU A 475 11.78 -26.97 -9.61
C LEU A 475 13.12 -27.67 -9.84
N PRO A 476 14.06 -26.97 -10.45
CA PRO A 476 15.45 -27.47 -10.48
C PRO A 476 15.91 -27.80 -9.06
N ALA A 477 16.72 -28.83 -8.96
CA ALA A 477 17.16 -29.32 -7.66
C ALA A 477 17.66 -28.19 -6.75
N GLN A 478 18.44 -27.25 -7.30
CA GLN A 478 19.03 -26.16 -6.50
C GLN A 478 17.98 -25.20 -5.98
N LEU A 479 16.77 -25.22 -6.53
CA LEU A 479 15.70 -24.32 -6.14
C LEU A 479 14.61 -25.01 -5.33
N VAL A 480 14.81 -26.26 -4.95
CA VAL A 480 13.87 -26.95 -4.07
C VAL A 480 14.16 -26.47 -2.65
N PRO A 481 13.26 -25.72 -2.03
CA PRO A 481 13.56 -25.18 -0.69
C PRO A 481 13.37 -26.22 0.40
N VAL A 482 14.12 -26.02 1.49
CA VAL A 482 13.86 -26.77 2.72
C VAL A 482 12.51 -26.31 3.31
N LEU A 483 11.64 -27.26 3.61
CA LEU A 483 10.28 -26.96 4.05
C LEU A 483 10.21 -26.76 5.56
N ALA A 484 9.45 -25.74 5.97
CA ALA A 484 9.19 -25.45 7.38
C ALA A 484 7.74 -25.02 7.51
N GLU A 485 6.98 -25.73 8.34
CA GLU A 485 5.61 -25.34 8.63
C GLU A 485 5.59 -24.30 9.74
N VAL A 486 4.73 -23.30 9.58
CA VAL A 486 4.57 -22.22 10.55
C VAL A 486 3.08 -21.90 10.62
N GLU A 487 2.66 -21.39 11.79
CA GLU A 487 1.23 -21.16 12.00
C GLU A 487 0.75 -19.92 11.28
N SER A 488 1.63 -18.95 11.04
CA SER A 488 1.28 -17.81 10.20
C SER A 488 2.57 -17.17 9.69
N LEU A 489 2.41 -16.33 8.70
CA LEU A 489 3.58 -15.64 8.19
C LEU A 489 3.68 -14.27 8.83
N PRO A 490 4.84 -13.89 9.32
CA PRO A 490 5.00 -12.57 9.94
C PRO A 490 4.85 -11.46 8.91
N THR A 491 4.33 -10.32 9.34
CA THR A 491 4.14 -9.20 8.43
C THR A 491 4.91 -7.98 8.94
N ARG A 492 5.31 -7.13 8.01
CA ARG A 492 5.82 -5.81 8.29
C ARG A 492 4.65 -4.90 8.66
N THR A 493 4.99 -3.69 9.13
CA THR A 493 3.98 -2.71 9.49
C THR A 493 2.98 -2.51 8.36
N SER A 494 3.46 -2.47 7.13
CA SER A 494 2.59 -2.31 5.96
C SER A 494 1.63 -3.48 5.77
N GLY A 495 1.98 -4.66 6.26
CA GLY A 495 1.22 -5.87 5.98
C GLY A 495 1.87 -6.81 4.97
N LYS A 496 2.90 -6.35 4.26
CA LYS A 496 3.65 -7.25 3.39
C LYS A 496 4.41 -8.27 4.23
N VAL A 497 4.77 -9.38 3.59
CA VAL A 497 5.47 -10.43 4.32
C VAL A 497 6.78 -9.90 4.89
N ASP A 498 7.15 -10.38 6.05
CA ASP A 498 8.38 -9.97 6.74
C ASP A 498 9.35 -11.14 6.66
N ARG A 499 10.14 -11.19 5.60
CA ARG A 499 10.95 -12.39 5.39
C ARG A 499 12.04 -12.52 6.44
N LYS A 500 12.60 -11.39 6.89
CA LYS A 500 13.61 -11.41 7.94
C LYS A 500 13.07 -11.95 9.25
N ALA A 501 11.75 -11.91 9.45
CA ALA A 501 11.14 -12.35 10.70
C ALA A 501 10.78 -13.82 10.71
N LEU A 502 10.94 -14.53 9.59
CA LEU A 502 10.61 -15.96 9.58
C LEU A 502 11.62 -16.73 10.43
N PRO A 503 11.19 -17.79 11.11
CA PRO A 503 12.08 -18.49 12.04
C PRO A 503 13.30 -19.10 11.34
N TRP A 504 14.46 -18.90 11.95
CA TRP A 504 15.68 -19.46 11.35
C TRP A 504 16.84 -19.41 12.34
N PRO A 505 17.60 -20.50 12.52
CA PRO A 505 17.44 -21.85 11.94
C PRO A 505 16.13 -22.54 12.33
N LEU A 506 15.87 -23.74 11.80
CA LEU A 506 14.52 -24.30 11.81
C LEU A 506 14.32 -25.20 13.01
N PRO A 507 13.54 -24.80 14.01
CA PRO A 507 13.36 -25.67 15.17
C PRO A 507 12.43 -26.82 14.84
N SER A 508 12.64 -27.94 15.52
CA SER A 508 11.76 -29.08 15.36
C SER A 508 10.52 -28.99 16.25
N ALA A 509 10.35 -27.83 16.90
CA ALA A 509 9.28 -27.50 17.85
C ALA A 509 7.90 -27.89 17.41
#